data_4DK0
#
_entry.id   4DK0
#
_cell.length_a   109.188
_cell.length_b   109.188
_cell.length_c   255.442
_cell.angle_alpha   90.00
_cell.angle_beta   90.00
_cell.angle_gamma   120.00
#
_symmetry.space_group_name_H-M   'P 6 2 2'
#
_entity_poly.entity_id   1
_entity_poly.type   'polypeptide(L)'
_entity_poly.pdbx_seq_one_letter_code
;GA(MSE)DTTYLTEEVKRGNIEKNVVATGSIESINTVDVGAQVSGKITKLYVKLGQQVKKGDLLAEIDSTTQINTLNTRK
AALASYQAQLVARKTAYDVALSNYQRLSKLYGQKATSLDTLNTAKATLNNAKAE(MSE)DVVQENIKQAEIEVNTAETNL
GYTKITSPIDGTVISTPVSEGQTVNSNQTTPTIIKVADLSK(MSE)RIKPEISEGDITKVKAGQDVTFTILSDNKTVYHA
KIDSVDPATTTISDNSSSNSSSSGSSSSSGSSSSAVYYYANIIVENPEHVLRIG(MSE)TTENNIKIADVQNVLFIPNLA
VQKQQDKYVVNVLNGNTTQEREIEIGVQNDFQTEVKSGLTEGEKVVISQVAAGETFGDPDAPIIF
;
_entity_poly.pdbx_strand_id   A
#
# COMPACT_ATOMS: atom_id res chain seq x y z
N TYR A 7 -4.34 56.71 7.85
CA TYR A 7 -4.48 57.66 6.75
C TYR A 7 -3.13 57.81 6.05
N LEU A 8 -2.75 56.84 5.21
CA LEU A 8 -1.38 56.85 4.68
C LEU A 8 -0.96 55.93 3.53
N THR A 9 -0.90 56.50 2.32
CA THR A 9 0.28 56.24 1.50
C THR A 9 0.58 54.87 0.83
N GLU A 10 1.22 54.98 -0.35
CA GLU A 10 2.21 54.05 -0.96
C GLU A 10 2.11 53.89 -2.46
N GLU A 11 3.28 53.73 -3.07
CA GLU A 11 3.42 53.42 -4.50
C GLU A 11 2.72 52.10 -4.88
N VAL A 12 2.83 51.73 -6.15
CA VAL A 12 2.16 50.53 -6.66
C VAL A 12 3.09 49.79 -7.64
N LYS A 13 3.65 48.66 -7.20
CA LYS A 13 4.41 47.76 -8.06
C LYS A 13 3.43 47.17 -9.09
N ARG A 14 3.83 46.64 -10.26
CA ARG A 14 5.18 46.19 -10.70
C ARG A 14 5.68 44.98 -9.91
N GLY A 15 4.75 44.33 -9.21
CA GLY A 15 5.08 43.27 -8.28
C GLY A 15 4.12 42.11 -8.39
N ASN A 16 4.28 41.10 -7.53
CA ASN A 16 3.67 39.77 -7.70
C ASN A 16 3.39 38.98 -6.41
N ILE A 17 2.10 38.85 -6.03
CA ILE A 17 1.71 38.03 -4.86
C ILE A 17 2.17 36.63 -5.14
N GLU A 18 2.53 35.87 -4.11
CA GLU A 18 2.54 34.44 -4.35
C GLU A 18 1.77 33.63 -3.33
N LYS A 19 1.05 34.33 -2.45
CA LYS A 19 0.16 33.70 -1.49
C LYS A 19 0.80 32.49 -0.71
N ASN A 20 0.01 31.78 0.07
CA ASN A 20 0.51 30.68 0.88
C ASN A 20 -0.61 29.70 1.17
N VAL A 21 -0.70 29.24 2.43
CA VAL A 21 -1.67 28.26 3.02
C VAL A 21 -0.95 27.23 3.93
N VAL A 22 -1.11 27.36 5.24
CA VAL A 22 -0.41 26.51 6.23
C VAL A 22 -1.27 25.32 6.71
N ALA A 23 -0.61 24.17 6.83
CA ALA A 23 -1.23 22.95 7.29
C ALA A 23 -0.18 22.32 8.08
N THR A 24 -0.55 21.61 9.14
CA THR A 24 0.44 20.75 9.80
C THR A 24 0.23 19.34 9.25
N GLY A 25 1.32 18.63 8.95
CA GLY A 25 1.24 17.24 8.47
C GLY A 25 2.20 16.30 9.19
N SER A 26 2.17 14.97 8.94
CA SER A 26 3.33 14.15 9.41
C SER A 26 4.05 13.17 8.46
N ILE A 27 5.36 13.03 8.65
CA ILE A 27 6.15 12.20 7.79
C ILE A 27 5.83 10.81 8.23
N GLU A 28 5.93 9.89 7.28
CA GLU A 28 5.38 8.52 7.33
C GLU A 28 5.91 7.67 6.14
N SER A 29 6.02 6.36 6.35
CA SER A 29 6.79 5.54 5.42
C SER A 29 6.10 5.50 4.07
N ILE A 30 6.85 5.27 3.00
CA ILE A 30 6.22 5.20 1.68
C ILE A 30 5.45 3.88 1.46
N ASN A 31 5.96 2.77 1.98
CA ASN A 31 5.28 1.48 1.77
C ASN A 31 4.49 0.93 2.96
N THR A 32 3.18 0.83 2.73
CA THR A 32 2.20 0.39 3.71
C THR A 32 2.36 -1.11 3.96
N VAL A 33 2.43 -1.51 5.23
CA VAL A 33 2.85 -2.87 5.59
C VAL A 33 2.52 -3.27 7.02
N ASP A 34 2.68 -4.56 7.29
CA ASP A 34 2.96 -5.13 8.61
C ASP A 34 3.37 -6.57 8.31
N VAL A 35 3.93 -7.30 9.27
CA VAL A 35 4.31 -8.69 8.96
C VAL A 35 3.70 -9.68 9.95
N GLY A 36 2.48 -10.14 9.61
CA GLY A 36 1.64 -10.95 10.47
C GLY A 36 2.02 -12.41 10.60
N ALA A 37 1.03 -13.25 10.89
CA ALA A 37 1.22 -14.68 10.88
C ALA A 37 -0.15 -15.36 10.91
N GLN A 38 -0.39 -16.31 10.01
CA GLN A 38 -1.55 -17.19 10.21
C GLN A 38 -1.25 -18.69 10.28
N VAL A 39 -0.70 -19.08 11.43
CA VAL A 39 -0.76 -20.43 12.00
C VAL A 39 -0.45 -20.23 13.47
N SER A 40 -0.94 -21.13 14.31
CA SER A 40 -0.61 -21.09 15.74
C SER A 40 0.86 -21.48 15.93
N GLY A 41 1.18 -21.98 17.12
CA GLY A 41 2.54 -22.38 17.41
C GLY A 41 3.12 -21.64 18.60
N LYS A 42 4.45 -21.51 18.64
CA LYS A 42 5.19 -20.93 19.76
C LYS A 42 6.53 -20.36 19.26
N ILE A 43 6.49 -19.21 18.59
CA ILE A 43 7.65 -18.64 17.84
C ILE A 43 9.03 -18.86 18.45
N THR A 44 9.96 -19.38 17.65
CA THR A 44 11.27 -19.72 18.20
C THR A 44 12.47 -19.51 17.29
N LYS A 45 12.30 -18.71 16.23
CA LYS A 45 13.45 -18.01 15.64
C LYS A 45 13.08 -16.56 15.32
N LEU A 46 14.00 -15.64 15.66
CA LEU A 46 13.92 -14.22 15.27
C LEU A 46 15.29 -13.80 14.75
N TYR A 47 15.34 -13.58 13.42
CA TYR A 47 16.60 -13.35 12.69
C TYR A 47 16.87 -11.86 12.47
N VAL A 48 15.99 -10.99 12.98
CA VAL A 48 16.21 -9.55 12.94
C VAL A 48 16.38 -8.85 14.31
N LYS A 49 17.06 -7.72 14.26
CA LYS A 49 17.08 -6.76 15.34
C LYS A 49 16.54 -5.47 14.69
N LEU A 50 16.14 -4.47 15.48
CA LEU A 50 15.40 -3.29 14.99
C LEU A 50 16.24 -2.10 14.44
N GLY A 51 16.00 -1.75 13.18
CA GLY A 51 16.64 -0.61 12.56
C GLY A 51 17.47 -0.84 11.29
N GLN A 52 17.70 -2.10 10.90
CA GLN A 52 18.57 -2.38 9.75
C GLN A 52 17.96 -3.35 8.73
N GLN A 53 18.10 -2.99 7.45
CA GLN A 53 17.38 -3.60 6.30
C GLN A 53 17.11 -5.13 6.25
N VAL A 54 15.97 -5.51 5.68
CA VAL A 54 15.69 -6.90 5.34
C VAL A 54 15.27 -7.03 3.90
N LYS A 55 16.25 -7.26 3.02
CA LYS A 55 16.04 -7.49 1.59
C LYS A 55 14.81 -8.37 1.32
N LYS A 56 14.05 -8.06 0.26
CA LYS A 56 12.80 -8.78 0.01
C LYS A 56 13.03 -10.26 0.12
N GLY A 57 12.08 -10.94 0.76
CA GLY A 57 12.15 -12.38 0.98
C GLY A 57 13.41 -12.76 1.75
N ASP A 58 13.37 -12.55 3.06
CA ASP A 58 14.54 -12.81 3.88
C ASP A 58 14.20 -13.59 5.13
N LEU A 59 15.27 -13.99 5.81
CA LEU A 59 15.24 -14.81 7.01
C LEU A 59 14.85 -13.98 8.22
N LEU A 60 13.63 -14.19 8.72
CA LEU A 60 13.12 -13.43 9.86
C LEU A 60 12.78 -14.27 11.09
N ALA A 61 11.83 -15.19 10.93
CA ALA A 61 11.23 -15.89 12.08
C ALA A 61 11.36 -17.44 12.06
N GLU A 62 10.74 -18.09 13.05
CA GLU A 62 10.44 -19.54 13.05
C GLU A 62 9.63 -19.98 14.30
N ILE A 63 8.78 -20.99 14.12
CA ILE A 63 7.70 -21.38 15.04
C ILE A 63 7.85 -22.88 15.34
N ASP A 64 6.82 -23.57 15.82
CA ASP A 64 6.92 -25.02 15.72
C ASP A 64 6.34 -25.57 14.39
N SER A 65 7.29 -25.77 13.50
CA SER A 65 7.02 -26.28 12.18
C SER A 65 6.74 -27.75 12.35
N THR A 66 6.96 -28.30 13.55
CA THR A 66 6.87 -29.76 13.77
C THR A 66 5.56 -30.32 13.31
N THR A 67 4.48 -29.99 14.00
CA THR A 67 3.15 -30.50 13.65
C THR A 67 2.91 -30.48 12.14
N GLN A 68 3.31 -29.39 11.50
CA GLN A 68 3.12 -29.20 10.08
C GLN A 68 4.02 -30.08 9.19
N ILE A 69 5.27 -30.34 9.59
CA ILE A 69 6.11 -31.26 8.83
C ILE A 69 5.70 -32.69 9.08
N ASN A 70 5.25 -32.98 10.29
CA ASN A 70 4.84 -34.33 10.58
C ASN A 70 3.68 -34.61 9.69
N THR A 71 2.76 -33.67 9.59
CA THR A 71 1.68 -33.96 8.68
C THR A 71 2.10 -33.93 7.21
N LEU A 72 3.06 -33.11 6.83
CA LEU A 72 3.64 -33.29 5.49
C LEU A 72 4.17 -34.72 5.23
N ASN A 73 4.91 -35.26 6.18
CA ASN A 73 5.44 -36.60 6.06
C ASN A 73 4.33 -37.63 5.98
N THR A 74 3.31 -37.44 6.80
CA THR A 74 2.07 -38.17 6.70
C THR A 74 1.67 -38.19 5.24
N ARG A 75 1.27 -37.04 4.72
CA ARG A 75 0.65 -37.00 3.41
C ARG A 75 1.55 -37.51 2.28
N LYS A 76 2.87 -37.55 2.51
CA LYS A 76 3.77 -38.15 1.53
C LYS A 76 3.91 -39.66 1.69
N ALA A 77 3.66 -40.17 2.90
CA ALA A 77 3.48 -41.62 3.05
C ALA A 77 2.21 -42.08 2.33
N ALA A 78 1.09 -41.36 2.50
CA ALA A 78 -0.13 -41.76 1.82
C ALA A 78 0.13 -42.08 0.34
N LEU A 79 0.25 -41.06 -0.49
CA LEU A 79 0.91 -41.19 -1.78
C LEU A 79 1.88 -42.38 -1.92
N ALA A 80 2.91 -42.40 -1.09
CA ALA A 80 3.95 -43.39 -1.27
C ALA A 80 3.40 -44.81 -1.26
N SER A 81 2.19 -44.99 -0.71
CA SER A 81 1.45 -46.28 -0.80
C SER A 81 0.51 -46.35 -2.00
N TYR A 82 -0.10 -45.22 -2.34
CA TYR A 82 -1.04 -45.16 -3.46
C TYR A 82 -0.34 -45.52 -4.78
N GLN A 83 0.95 -45.24 -4.87
CA GLN A 83 1.70 -45.64 -6.06
C GLN A 83 1.95 -47.15 -6.04
N ALA A 84 2.08 -47.66 -4.83
CA ALA A 84 2.28 -49.08 -4.57
C ALA A 84 0.96 -49.87 -4.71
N GLN A 85 -0.15 -49.15 -4.86
CA GLN A 85 -1.44 -49.76 -5.19
C GLN A 85 -1.41 -49.82 -6.66
N LEU A 86 -1.03 -48.71 -7.29
CA LEU A 86 -0.85 -48.72 -8.75
C LEU A 86 -0.10 -49.97 -9.30
N VAL A 87 1.04 -50.29 -8.71
CA VAL A 87 1.71 -51.56 -8.98
C VAL A 87 0.70 -52.68 -9.23
N ALA A 88 0.03 -53.16 -8.18
CA ALA A 88 -0.88 -54.31 -8.33
C ALA A 88 -2.14 -54.03 -9.14
N ARG A 89 -2.87 -52.93 -8.84
CA ARG A 89 -4.12 -52.62 -9.55
C ARG A 89 -3.88 -52.33 -11.03
N LYS A 90 -2.61 -52.41 -11.46
CA LYS A 90 -2.24 -52.43 -12.88
C LYS A 90 -1.87 -53.81 -13.37
N THR A 91 -0.98 -54.54 -12.68
CA THR A 91 -0.69 -55.91 -13.17
C THR A 91 -1.92 -56.83 -13.20
N ALA A 92 -2.83 -56.66 -12.23
CA ALA A 92 -4.13 -57.35 -12.26
C ALA A 92 -4.83 -57.09 -13.60
N TYR A 93 -4.77 -55.85 -14.07
CA TYR A 93 -5.29 -55.54 -15.41
C TYR A 93 -4.46 -56.11 -16.55
N ASP A 94 -3.17 -56.32 -16.33
CA ASP A 94 -2.35 -56.94 -17.37
C ASP A 94 -2.77 -58.41 -17.54
N VAL A 95 -2.87 -59.12 -16.43
CA VAL A 95 -3.35 -60.51 -16.37
C VAL A 95 -4.77 -60.70 -16.95
N ALA A 96 -5.52 -59.60 -16.93
CA ALA A 96 -6.90 -59.59 -17.38
C ALA A 96 -7.07 -58.75 -18.65
N LEU A 97 -5.97 -58.39 -19.29
CA LEU A 97 -6.03 -57.80 -20.61
C LEU A 97 -5.61 -58.88 -21.58
N SER A 98 -4.58 -59.64 -21.19
CA SER A 98 -4.00 -60.70 -22.02
C SER A 98 -4.77 -62.02 -21.88
N ASN A 99 -5.58 -62.10 -20.84
CA ASN A 99 -6.57 -63.15 -20.72
C ASN A 99 -7.72 -62.92 -21.71
N TYR A 100 -8.28 -61.70 -21.66
CA TYR A 100 -9.42 -61.30 -22.49
C TYR A 100 -9.12 -61.11 -23.96
N GLN A 101 -8.07 -60.34 -24.28
CA GLN A 101 -7.77 -60.03 -25.67
C GLN A 101 -7.63 -61.31 -26.48
N ARG A 102 -7.17 -62.39 -25.82
CA ARG A 102 -7.11 -63.72 -26.41
C ARG A 102 -8.45 -64.48 -26.39
N LEU A 103 -8.95 -64.82 -25.19
CA LEU A 103 -10.26 -65.47 -25.07
C LEU A 103 -11.37 -64.90 -25.99
N SER A 104 -11.30 -63.60 -26.30
CA SER A 104 -12.28 -63.00 -27.20
C SER A 104 -12.01 -63.31 -28.67
N LYS A 105 -10.74 -63.25 -29.05
CA LYS A 105 -10.29 -63.68 -30.38
C LYS A 105 -10.71 -65.13 -30.65
N LEU A 106 -10.63 -65.97 -29.61
CA LEU A 106 -11.07 -67.39 -29.69
C LEU A 106 -12.53 -67.67 -29.32
N TYR A 107 -13.30 -66.61 -29.08
CA TYR A 107 -14.75 -66.75 -29.16
C TYR A 107 -15.16 -67.01 -30.61
N GLY A 108 -14.31 -66.64 -31.56
CA GLY A 108 -14.52 -66.97 -32.96
C GLY A 108 -14.36 -68.46 -33.24
N GLN A 109 -13.84 -69.20 -32.25
CA GLN A 109 -13.67 -70.64 -32.38
C GLN A 109 -14.88 -71.38 -31.82
N LYS A 110 -16.04 -70.90 -32.26
CA LYS A 110 -17.34 -71.58 -32.20
C LYS A 110 -17.99 -71.76 -30.81
N ALA A 111 -17.28 -72.41 -29.89
CA ALA A 111 -17.82 -72.75 -28.58
C ALA A 111 -17.75 -71.62 -27.53
N THR A 112 -16.59 -71.54 -26.86
CA THR A 112 -16.35 -70.72 -25.66
C THR A 112 -17.49 -69.80 -25.27
N SER A 113 -18.55 -70.41 -24.72
CA SER A 113 -19.81 -69.76 -24.37
C SER A 113 -19.67 -68.28 -23.99
N LEU A 114 -20.58 -67.45 -24.49
CA LEU A 114 -20.51 -65.99 -24.31
C LEU A 114 -20.37 -65.66 -22.83
N ASP A 115 -20.97 -66.47 -21.96
CA ASP A 115 -20.92 -66.28 -20.50
C ASP A 115 -19.49 -66.18 -19.95
N THR A 116 -18.50 -66.63 -20.71
CA THR A 116 -17.10 -66.60 -20.29
C THR A 116 -16.26 -65.59 -21.09
N LEU A 117 -16.89 -65.00 -22.11
CA LEU A 117 -16.31 -63.90 -22.86
C LEU A 117 -16.67 -62.63 -22.11
N ASN A 118 -17.89 -62.61 -21.62
CA ASN A 118 -18.48 -61.49 -20.88
C ASN A 118 -17.78 -61.22 -19.53
N THR A 119 -17.41 -62.31 -18.84
CA THR A 119 -16.46 -62.23 -17.75
C THR A 119 -15.36 -61.33 -18.22
N ALA A 120 -14.56 -61.83 -19.15
CA ALA A 120 -13.43 -61.08 -19.70
C ALA A 120 -13.70 -59.60 -20.11
N LYS A 121 -14.77 -59.31 -20.86
CA LYS A 121 -15.11 -57.93 -21.24
C LYS A 121 -15.26 -57.06 -20.01
N ALA A 122 -16.33 -57.31 -19.25
CA ALA A 122 -16.66 -56.45 -18.10
C ALA A 122 -15.59 -56.50 -17.02
N THR A 123 -14.85 -57.60 -16.96
CA THR A 123 -13.83 -57.81 -15.94
C THR A 123 -12.46 -57.41 -16.50
N LEU A 124 -12.50 -56.79 -17.68
CA LEU A 124 -11.37 -56.04 -18.20
C LEU A 124 -11.64 -54.60 -17.81
N ASN A 125 -12.81 -54.12 -18.20
CA ASN A 125 -13.17 -52.74 -17.85
C ASN A 125 -13.11 -52.51 -16.36
N ASN A 126 -13.51 -53.47 -15.55
CA ASN A 126 -13.37 -53.28 -14.13
C ASN A 126 -11.90 -53.19 -13.70
N ALA A 127 -11.03 -53.97 -14.33
CA ALA A 127 -9.60 -53.88 -14.01
C ALA A 127 -9.02 -52.50 -14.37
N LYS A 128 -9.24 -52.13 -15.62
CA LYS A 128 -8.84 -50.84 -16.20
C LYS A 128 -9.31 -49.68 -15.34
N ALA A 129 -10.60 -49.66 -15.07
CA ALA A 129 -11.20 -48.58 -14.29
C ALA A 129 -10.75 -48.58 -12.83
N GLU A 130 -10.46 -49.76 -12.29
CA GLU A 130 -10.04 -49.83 -10.89
C GLU A 130 -8.58 -49.35 -10.78
N ASP A 132 -7.72 -46.67 -12.99
CA ASP A 132 -7.99 -45.22 -13.05
C ASP A 132 -8.21 -44.62 -11.67
N VAL A 133 -9.18 -45.18 -10.93
CA VAL A 133 -9.39 -44.78 -9.53
C VAL A 133 -8.09 -44.55 -8.75
N VAL A 134 -7.13 -45.45 -8.91
CA VAL A 134 -5.82 -45.34 -8.24
C VAL A 134 -4.89 -44.30 -8.91
N GLN A 135 -5.21 -43.90 -10.13
CA GLN A 135 -4.58 -42.70 -10.63
C GLN A 135 -5.08 -41.47 -9.91
N GLU A 136 -6.38 -41.25 -9.96
CA GLU A 136 -6.96 -40.07 -9.33
C GLU A 136 -6.56 -40.01 -7.86
N ASN A 137 -6.36 -41.17 -7.25
CA ASN A 137 -5.85 -41.20 -5.90
C ASN A 137 -4.39 -40.77 -5.84
N ILE A 138 -3.56 -41.24 -6.78
CA ILE A 138 -2.17 -40.77 -6.88
C ILE A 138 -2.13 -39.23 -6.96
N LYS A 139 -3.03 -38.69 -7.78
CA LYS A 139 -3.15 -37.27 -7.92
C LYS A 139 -3.41 -36.79 -6.53
N GLN A 140 -4.63 -36.99 -6.04
CA GLN A 140 -5.09 -36.37 -4.77
C GLN A 140 -4.04 -36.41 -3.69
N ALA A 141 -3.23 -37.47 -3.68
CA ALA A 141 -2.11 -37.57 -2.75
C ALA A 141 -0.91 -36.66 -3.07
N GLU A 142 -0.51 -36.59 -4.34
CA GLU A 142 0.49 -35.61 -4.77
C GLU A 142 0.05 -34.15 -4.49
N ILE A 143 -1.22 -33.87 -4.77
CA ILE A 143 -1.81 -32.58 -4.51
C ILE A 143 -1.73 -32.30 -3.03
N GLU A 144 -2.56 -32.99 -2.24
CA GLU A 144 -2.57 -32.77 -0.81
C GLU A 144 -1.19 -32.85 -0.13
N VAL A 145 -0.19 -33.47 -0.78
CA VAL A 145 1.18 -33.38 -0.24
C VAL A 145 1.89 -32.07 -0.60
N ASN A 146 1.68 -31.55 -1.79
CA ASN A 146 2.26 -30.25 -2.06
C ASN A 146 1.58 -29.19 -1.19
N THR A 147 0.27 -29.24 -1.07
CA THR A 147 -0.40 -28.32 -0.15
C THR A 147 0.06 -28.59 1.29
N ALA A 148 0.46 -29.82 1.58
CA ALA A 148 1.01 -30.12 2.89
C ALA A 148 2.47 -29.69 3.06
N GLU A 149 3.08 -29.18 2.00
CA GLU A 149 4.34 -28.49 2.23
C GLU A 149 4.15 -26.99 2.04
N THR A 150 2.97 -26.61 1.57
CA THR A 150 2.69 -25.21 1.30
C THR A 150 1.94 -24.66 2.48
N ASN A 151 1.63 -25.52 3.42
CA ASN A 151 1.27 -25.07 4.75
C ASN A 151 2.52 -25.11 5.60
N LEU A 152 3.63 -25.32 4.90
CA LEU A 152 4.95 -25.22 5.49
C LEU A 152 5.74 -24.16 4.74
N GLY A 153 5.03 -23.11 4.30
CA GLY A 153 5.67 -21.93 3.78
C GLY A 153 6.29 -21.21 4.96
N TYR A 154 5.68 -21.41 6.13
CA TYR A 154 5.91 -20.56 7.29
C TYR A 154 7.06 -21.15 8.08
N THR A 155 8.26 -20.77 7.63
CA THR A 155 9.53 -21.29 8.13
C THR A 155 10.62 -20.21 8.20
N LYS A 156 10.32 -19.01 7.70
CA LYS A 156 11.08 -17.79 8.07
C LYS A 156 10.09 -16.65 8.41
N ILE A 157 8.84 -16.81 7.98
CA ILE A 157 7.93 -15.68 7.83
C ILE A 157 8.75 -14.62 7.07
N THR A 158 8.91 -14.80 5.75
CA THR A 158 9.81 -13.94 4.95
C THR A 158 9.40 -12.47 4.99
N SER A 159 10.38 -11.56 5.06
CA SER A 159 10.10 -10.12 5.06
C SER A 159 9.69 -9.66 3.67
N PRO A 160 8.44 -9.18 3.54
CA PRO A 160 7.88 -8.77 2.26
C PRO A 160 8.74 -7.71 1.55
N ILE A 161 9.26 -6.68 2.26
CA ILE A 161 10.16 -5.64 1.68
C ILE A 161 11.48 -5.44 2.48
N ASP A 162 12.36 -4.59 1.94
CA ASP A 162 13.71 -4.35 2.46
C ASP A 162 13.82 -3.10 3.28
N GLY A 163 13.09 -2.07 2.84
CA GLY A 163 13.17 -0.69 3.32
C GLY A 163 13.99 -0.37 4.56
N THR A 164 13.63 -1.05 5.65
CA THR A 164 14.38 -1.27 6.92
C THR A 164 13.32 -1.73 7.96
N VAL A 165 13.70 -1.90 9.24
CA VAL A 165 12.77 -2.42 10.27
C VAL A 165 12.34 -1.34 11.26
N ILE A 166 11.06 -1.33 11.63
CA ILE A 166 10.37 -0.16 12.24
C ILE A 166 9.56 -0.54 13.49
N SER A 167 9.38 -1.83 13.69
CA SER A 167 8.77 -2.32 14.92
C SER A 167 9.18 -3.76 15.02
N THR A 168 8.69 -4.45 16.03
CA THR A 168 9.09 -5.82 16.29
C THR A 168 8.31 -6.30 17.48
N PRO A 169 7.00 -6.49 17.32
CA PRO A 169 6.41 -6.58 18.64
C PRO A 169 6.68 -7.91 19.36
N VAL A 170 7.32 -8.86 18.68
CA VAL A 170 7.46 -10.24 19.19
C VAL A 170 8.62 -10.58 20.13
N SER A 171 8.48 -11.74 20.78
CA SER A 171 9.51 -12.26 21.65
C SER A 171 9.90 -13.64 21.16
N GLU A 172 11.18 -13.81 20.84
CA GLU A 172 11.72 -15.14 20.57
C GLU A 172 11.59 -16.02 21.84
N GLY A 173 10.56 -16.86 21.85
CA GLY A 173 10.23 -17.79 22.95
C GLY A 173 8.74 -17.76 23.30
N GLN A 174 8.01 -16.97 22.52
CA GLN A 174 6.63 -16.55 22.80
C GLN A 174 5.55 -17.28 21.98
N THR A 175 4.56 -17.79 22.67
CA THR A 175 3.41 -18.42 22.03
C THR A 175 2.57 -17.37 21.27
N VAL A 176 1.95 -17.79 20.17
CA VAL A 176 1.13 -16.89 19.36
C VAL A 176 -0.20 -17.61 19.05
N ASN A 177 -1.24 -16.88 18.62
CA ASN A 177 -2.55 -17.52 18.38
C ASN A 177 -3.24 -16.96 17.13
N SER A 178 -2.81 -17.40 15.97
CA SER A 178 -3.17 -16.74 14.73
C SER A 178 -4.50 -17.18 14.12
N ASN A 179 -5.17 -18.14 14.75
CA ASN A 179 -6.42 -18.63 14.19
C ASN A 179 -7.53 -17.58 14.24
N GLN A 180 -7.59 -16.85 15.35
CA GLN A 180 -8.66 -15.89 15.56
C GLN A 180 -8.39 -14.51 14.93
N THR A 181 -7.40 -13.77 15.43
CA THR A 181 -6.93 -12.59 14.70
C THR A 181 -5.43 -12.70 14.44
N THR A 182 -4.97 -12.10 13.34
CA THR A 182 -3.58 -12.27 12.85
C THR A 182 -2.48 -11.48 13.57
N PRO A 183 -1.65 -12.19 14.35
CA PRO A 183 -0.60 -11.57 15.15
C PRO A 183 0.40 -10.89 14.22
N THR A 184 0.50 -9.56 14.21
CA THR A 184 1.61 -8.95 13.53
C THR A 184 2.87 -9.28 14.33
N ILE A 185 3.95 -9.58 13.61
CA ILE A 185 5.23 -10.06 14.20
C ILE A 185 6.41 -9.08 13.98
N ILE A 186 6.74 -8.76 12.75
CA ILE A 186 7.66 -7.65 12.54
C ILE A 186 6.97 -6.61 11.63
N LYS A 187 7.35 -5.34 11.71
CA LYS A 187 6.73 -4.31 10.88
C LYS A 187 7.78 -3.76 9.92
N VAL A 188 7.68 -4.05 8.63
CA VAL A 188 8.74 -3.61 7.73
C VAL A 188 8.25 -2.74 6.60
N ALA A 189 8.62 -1.45 6.71
CA ALA A 189 8.32 -0.36 5.74
C ALA A 189 9.57 0.40 5.23
N ASP A 190 9.39 1.14 4.14
CA ASP A 190 10.45 1.61 3.23
C ASP A 190 10.98 3.01 3.54
N LEU A 191 12.21 3.08 4.09
CA LEU A 191 12.76 4.36 4.60
C LEU A 191 13.76 5.10 3.68
N SER A 192 13.82 4.72 2.40
CA SER A 192 14.64 5.39 1.35
C SER A 192 13.92 6.60 0.73
N LYS A 193 12.59 6.53 0.70
CA LYS A 193 11.72 7.69 0.48
C LYS A 193 11.02 7.89 1.82
N ARG A 195 6.97 9.91 3.08
CA ARG A 195 5.87 10.69 2.59
C ARG A 195 5.20 11.40 3.76
N ILE A 196 5.06 12.71 3.65
CA ILE A 196 4.39 13.48 4.71
C ILE A 196 2.93 13.75 4.32
N LYS A 197 2.06 13.64 5.31
CA LYS A 197 0.61 13.73 5.18
C LYS A 197 0.09 15.03 5.81
N PRO A 198 -0.02 16.09 5.00
CA PRO A 198 -0.55 17.38 5.39
C PRO A 198 -2.03 17.27 5.66
N GLU A 199 -2.39 17.22 6.94
CA GLU A 199 -3.74 17.53 7.41
C GLU A 199 -4.09 18.83 6.69
N ILE A 200 -5.31 18.97 6.22
CA ILE A 200 -5.62 20.13 5.41
C ILE A 200 -7.12 20.39 5.47
N SER A 201 -7.48 21.41 6.26
CA SER A 201 -8.83 21.61 6.80
C SER A 201 -9.97 21.93 5.83
N GLU A 202 -11.19 21.63 6.24
CA GLU A 202 -12.36 21.48 5.38
C GLU A 202 -12.71 22.70 4.55
N GLY A 203 -12.08 23.84 4.87
CA GLY A 203 -12.33 25.10 4.15
C GLY A 203 -11.24 25.57 3.19
N ASP A 204 -10.08 24.95 3.35
CA ASP A 204 -8.97 25.16 2.43
C ASP A 204 -9.09 24.21 1.23
N ILE A 205 -9.69 23.02 1.40
CA ILE A 205 -9.73 22.00 0.33
C ILE A 205 -10.39 22.34 -1.00
N THR A 206 -11.40 23.22 -1.01
CA THR A 206 -11.94 23.69 -2.29
C THR A 206 -10.78 24.23 -3.15
N LYS A 207 -9.76 24.75 -2.46
CA LYS A 207 -8.57 25.37 -3.06
C LYS A 207 -7.36 24.42 -3.30
N VAL A 208 -6.84 23.73 -2.27
CA VAL A 208 -5.69 22.80 -2.38
C VAL A 208 -5.85 21.88 -3.59
N LYS A 209 -4.92 21.98 -4.55
CA LYS A 209 -4.92 21.11 -5.73
C LYS A 209 -3.61 20.33 -5.85
N ALA A 210 -3.59 19.32 -6.73
CA ALA A 210 -2.49 18.35 -6.87
C ALA A 210 -1.36 18.82 -7.79
N GLY A 211 -0.12 18.62 -7.33
CA GLY A 211 1.01 19.36 -7.88
C GLY A 211 0.95 20.88 -7.59
N GLN A 212 1.24 21.29 -6.34
CA GLN A 212 1.17 22.70 -5.92
C GLN A 212 2.37 23.16 -5.08
N ASP A 213 3.25 23.95 -5.73
CA ASP A 213 4.53 24.44 -5.17
C ASP A 213 4.65 24.55 -3.63
N VAL A 214 4.38 23.45 -2.93
CA VAL A 214 4.53 23.33 -1.49
C VAL A 214 5.89 23.84 -0.97
N THR A 215 6.02 23.93 0.36
CA THR A 215 7.29 24.03 1.07
C THR A 215 6.93 23.48 2.47
N PHE A 216 7.91 23.02 3.24
CA PHE A 216 7.65 22.60 4.63
C PHE A 216 8.89 22.74 5.51
N THR A 217 8.78 22.37 6.78
CA THR A 217 9.94 22.39 7.66
C THR A 217 9.80 21.35 8.78
N ILE A 218 10.91 20.68 9.08
CA ILE A 218 11.01 19.64 10.12
C ILE A 218 10.86 20.27 11.51
N LEU A 219 10.11 19.65 12.42
CA LEU A 219 10.00 20.21 13.75
C LEU A 219 11.30 19.98 14.49
N SER A 220 12.38 19.85 13.74
CA SER A 220 13.70 19.70 14.29
C SER A 220 14.72 20.52 13.52
N ASP A 221 14.23 21.54 12.80
CA ASP A 221 15.08 22.45 12.01
C ASP A 221 14.79 23.97 12.11
N ASN A 222 15.80 24.71 12.60
CA ASN A 222 15.85 26.16 12.53
C ASN A 222 16.32 26.53 11.13
N LYS A 223 15.39 26.57 10.19
CA LYS A 223 15.67 26.68 8.76
C LYS A 223 16.40 25.46 8.22
N THR A 224 15.64 24.48 7.76
CA THR A 224 16.12 23.65 6.68
C THR A 224 15.28 24.01 5.48
N VAL A 225 14.00 24.31 5.72
CA VAL A 225 13.01 24.65 4.66
C VAL A 225 13.04 23.76 3.41
N TYR A 226 12.16 22.75 3.38
CA TYR A 226 12.13 21.77 2.28
C TYR A 226 11.31 22.18 1.06
N HIS A 227 11.95 22.18 -0.11
CA HIS A 227 11.30 22.57 -1.36
C HIS A 227 10.73 21.38 -2.17
N ALA A 228 9.56 20.89 -1.73
CA ALA A 228 8.84 19.79 -2.40
C ALA A 228 7.66 20.29 -3.26
N LYS A 229 6.69 19.41 -3.47
CA LYS A 229 5.47 19.69 -4.22
C LYS A 229 4.36 18.70 -3.85
N ILE A 230 3.16 19.23 -3.74
CA ILE A 230 1.98 18.44 -3.53
C ILE A 230 1.93 17.44 -4.68
N ASP A 231 1.50 16.21 -4.38
CA ASP A 231 1.49 15.10 -5.35
C ASP A 231 0.13 14.52 -5.79
N SER A 232 -0.76 14.25 -4.84
CA SER A 232 -2.19 14.29 -5.13
C SER A 232 -3.15 14.29 -3.94
N VAL A 233 -4.43 14.23 -4.28
CA VAL A 233 -5.52 14.47 -3.35
C VAL A 233 -6.27 13.18 -2.96
N ASP A 234 -6.69 13.09 -1.70
CA ASP A 234 -7.61 12.04 -1.25
C ASP A 234 -9.04 12.55 -1.45
N PRO A 235 -10.04 11.66 -1.59
CA PRO A 235 -11.39 12.23 -1.65
C PRO A 235 -12.16 12.16 -0.31
N ALA A 236 -11.47 11.76 0.73
CA ALA A 236 -12.16 11.41 1.93
C ALA A 236 -11.33 11.79 3.12
N THR A 237 -12.01 12.06 4.22
CA THR A 237 -11.44 12.76 5.34
C THR A 237 -10.28 12.03 5.94
N THR A 238 -9.64 12.59 6.94
CA THR A 238 -8.47 11.94 7.50
C THR A 238 -8.90 11.05 8.64
N THR A 239 -9.71 10.06 8.29
CA THR A 239 -10.42 9.28 9.26
C THR A 239 -11.24 8.31 8.45
N ILE A 240 -11.37 8.60 7.15
CA ILE A 240 -11.80 7.63 6.14
C ILE A 240 -10.64 7.13 5.31
N SER A 241 -10.01 8.01 4.55
CA SER A 241 -8.75 7.71 3.91
C SER A 241 -7.84 7.05 4.95
N ASP A 242 -7.53 5.78 4.71
CA ASP A 242 -6.57 5.02 5.50
C ASP A 242 -6.86 4.99 7.04
N SER A 262 -16.93 16.85 13.68
CA SER A 262 -16.22 17.85 14.46
C SER A 262 -15.23 18.62 13.60
N ALA A 263 -14.05 18.88 14.13
CA ALA A 263 -12.96 19.40 13.33
C ALA A 263 -12.60 18.36 12.27
N VAL A 264 -12.63 18.78 11.01
CA VAL A 264 -12.45 17.90 9.86
C VAL A 264 -11.32 18.37 8.94
N TYR A 265 -10.69 17.47 8.22
CA TYR A 265 -9.60 17.86 7.34
C TYR A 265 -9.81 17.07 6.08
N TYR A 266 -8.75 16.64 5.38
CA TYR A 266 -8.86 15.86 4.14
C TYR A 266 -7.63 15.07 3.67
N TYR A 267 -6.46 15.30 4.25
CA TYR A 267 -5.18 14.75 3.78
C TYR A 267 -4.66 15.34 2.52
N ALA A 268 -3.37 15.64 2.55
CA ALA A 268 -2.58 15.75 1.35
C ALA A 268 -1.48 14.68 1.43
N ASN A 269 -0.65 14.64 0.40
CA ASN A 269 0.46 13.70 0.38
C ASN A 269 1.65 14.29 -0.35
N ILE A 270 2.83 14.18 0.28
CA ILE A 270 4.09 14.63 -0.32
C ILE A 270 4.97 13.47 -0.86
N ILE A 271 5.83 13.83 -1.83
CA ILE A 271 6.65 12.88 -2.55
C ILE A 271 8.13 13.22 -2.39
N VAL A 272 8.67 12.94 -1.21
CA VAL A 272 10.06 13.29 -0.96
C VAL A 272 10.97 12.17 -1.31
N GLU A 273 12.19 12.31 -0.81
CA GLU A 273 13.09 11.20 -0.75
C GLU A 273 13.65 11.23 0.67
N ASN A 274 14.36 10.18 1.03
CA ASN A 274 15.08 10.23 2.27
C ASN A 274 16.51 9.71 2.08
N PRO A 275 17.28 10.30 1.13
CA PRO A 275 18.69 9.90 1.06
C PRO A 275 19.40 10.35 2.33
N GLU A 276 19.66 11.65 2.45
CA GLU A 276 20.01 12.33 3.70
C GLU A 276 20.70 11.40 4.68
N HIS A 277 19.86 10.88 5.57
CA HIS A 277 20.08 9.68 6.38
C HIS A 277 18.79 9.50 7.20
N VAL A 278 18.26 10.59 7.75
CA VAL A 278 17.01 10.58 8.53
C VAL A 278 15.93 11.61 8.08
N LEU A 279 14.69 11.11 7.97
CA LEU A 279 13.47 11.93 8.07
C LEU A 279 12.46 10.99 8.69
N ARG A 280 12.93 10.27 9.70
CA ARG A 280 12.17 9.34 10.51
C ARG A 280 10.64 9.45 10.43
N ILE A 281 10.04 8.86 9.41
CA ILE A 281 8.59 8.59 9.35
C ILE A 281 7.60 8.95 10.47
N GLY A 282 8.01 9.71 11.47
CA GLY A 282 7.14 9.96 12.60
C GLY A 282 6.93 11.45 12.84
N THR A 284 6.62 15.73 12.34
CA THR A 284 5.68 16.64 11.68
C THR A 284 6.33 17.66 10.78
N THR A 285 5.55 18.10 9.82
CA THR A 285 6.03 19.03 8.86
C THR A 285 5.11 20.21 8.94
N GLU A 286 5.68 21.37 9.21
CA GLU A 286 4.91 22.59 9.10
C GLU A 286 4.92 22.84 7.61
N ASN A 287 3.79 22.60 6.96
CA ASN A 287 3.73 22.70 5.51
C ASN A 287 3.12 24.01 5.07
N ASN A 288 3.88 24.75 4.24
CA ASN A 288 3.43 26.00 3.61
C ASN A 288 3.41 25.89 2.09
N ILE A 289 2.28 25.48 1.51
CA ILE A 289 2.15 25.28 0.07
C ILE A 289 2.34 26.52 -0.83
N LYS A 290 1.53 26.57 -1.89
CA LYS A 290 1.45 27.68 -2.84
C LYS A 290 0.05 27.59 -3.38
N ILE A 291 -0.58 28.73 -3.66
CA ILE A 291 -1.96 28.80 -4.17
C ILE A 291 -2.54 30.20 -3.92
N ALA A 292 -2.85 31.00 -4.95
CA ALA A 292 -2.43 30.84 -6.35
C ALA A 292 -1.03 31.44 -6.49
N ASP A 293 -0.89 32.40 -7.39
CA ASP A 293 0.36 33.17 -7.57
C ASP A 293 0.33 33.88 -8.89
N VAL A 294 0.23 35.20 -8.86
CA VAL A 294 0.24 35.98 -10.10
C VAL A 294 1.60 36.61 -10.26
N GLN A 295 2.03 36.72 -11.50
CA GLN A 295 3.22 37.49 -11.78
C GLN A 295 2.81 38.93 -12.12
N ASN A 296 3.75 39.85 -11.90
CA ASN A 296 3.63 41.29 -12.21
C ASN A 296 2.22 41.89 -12.14
N VAL A 297 1.84 42.36 -10.95
CA VAL A 297 0.53 42.98 -10.74
C VAL A 297 0.60 44.17 -9.79
N LEU A 298 -0.56 44.76 -9.52
CA LEU A 298 -0.67 46.08 -8.87
C LEU A 298 -0.96 46.03 -7.36
N PHE A 299 -0.25 46.87 -6.59
CA PHE A 299 -0.21 46.80 -5.12
C PHE A 299 -0.68 48.05 -4.32
N ILE A 300 -1.63 47.80 -3.41
CA ILE A 300 -2.27 48.78 -2.57
C ILE A 300 -2.55 48.03 -1.29
N PRO A 301 -1.77 48.27 -0.21
CA PRO A 301 -1.90 47.36 0.94
C PRO A 301 -3.33 47.17 1.45
N ASN A 302 -3.61 45.94 1.89
CA ASN A 302 -4.97 45.45 2.19
C ASN A 302 -5.88 46.45 2.91
N LEU A 303 -5.40 46.98 4.03
CA LEU A 303 -6.20 47.81 4.94
C LEU A 303 -6.88 49.01 4.25
N ALA A 304 -6.56 49.21 2.97
CA ALA A 304 -7.24 50.16 2.08
C ALA A 304 -8.67 49.70 1.74
N VAL A 305 -8.98 48.47 2.16
CA VAL A 305 -10.31 47.81 2.00
C VAL A 305 -11.49 48.56 2.65
N GLN A 306 -12.39 49.07 1.81
CA GLN A 306 -13.68 49.58 2.27
C GLN A 306 -14.81 48.96 1.46
N GLN A 309 -20.37 46.95 -2.39
CA GLN A 309 -19.18 47.71 -2.75
C GLN A 309 -18.48 48.19 -1.47
N ASP A 310 -17.13 48.28 -1.37
CA ASP A 310 -16.02 48.22 -2.38
C ASP A 310 -15.50 49.60 -2.89
N LYS A 311 -15.13 50.48 -1.96
CA LYS A 311 -14.69 51.83 -2.28
C LYS A 311 -13.36 52.20 -1.60
N TYR A 312 -12.61 53.13 -2.19
CA TYR A 312 -11.32 53.56 -1.64
C TYR A 312 -11.20 55.08 -1.40
N VAL A 313 -9.96 55.57 -1.33
CA VAL A 313 -9.62 57.00 -1.16
C VAL A 313 -8.29 57.33 -1.85
N VAL A 314 -8.28 58.39 -2.66
CA VAL A 314 -7.06 58.82 -3.38
C VAL A 314 -6.79 60.33 -3.24
N ASN A 315 -5.62 60.68 -2.71
CA ASN A 315 -5.19 62.07 -2.57
C ASN A 315 -5.00 62.71 -3.93
N VAL A 316 -4.27 63.82 -3.99
CA VAL A 316 -4.06 64.47 -5.29
C VAL A 316 -2.63 64.86 -5.74
N LEU A 317 -1.93 65.89 -5.22
CA LEU A 317 -2.17 66.80 -4.05
C LEU A 317 -2.36 66.26 -2.62
N ASN A 318 -2.12 67.14 -1.66
CA ASN A 318 -2.08 66.77 -0.25
C ASN A 318 -2.24 67.98 0.69
N THR A 321 -8.36 66.37 1.56
CA THR A 321 -8.41 66.60 0.12
C THR A 321 -8.28 65.33 -0.69
N THR A 322 -8.80 64.21 -0.19
CA THR A 322 -8.73 62.95 -0.94
C THR A 322 -10.00 62.62 -1.73
N GLN A 323 -9.79 62.24 -2.98
CA GLN A 323 -10.86 61.86 -3.90
C GLN A 323 -10.76 60.37 -4.21
N GLU A 324 -11.83 59.64 -3.91
CA GLU A 324 -11.87 58.17 -3.86
C GLU A 324 -11.33 57.37 -5.06
N ARG A 325 -11.47 56.05 -4.99
CA ARG A 325 -11.09 55.18 -6.10
C ARG A 325 -11.75 53.80 -6.05
N GLU A 326 -13.00 53.76 -6.51
CA GLU A 326 -13.76 52.52 -6.64
C GLU A 326 -13.01 51.55 -7.55
N ILE A 327 -12.98 50.27 -7.19
CA ILE A 327 -12.16 49.30 -7.91
C ILE A 327 -12.77 47.90 -7.88
N GLU A 328 -12.08 46.94 -8.49
CA GLU A 328 -12.44 45.53 -8.41
C GLU A 328 -11.34 44.71 -9.08
N ILE A 329 -10.63 43.80 -8.42
CA ILE A 329 -10.56 43.49 -6.97
C ILE A 329 -9.59 42.27 -6.88
N GLY A 330 -9.07 41.96 -5.69
CA GLY A 330 -8.35 40.71 -5.44
C GLY A 330 -7.07 40.41 -6.21
N VAL A 331 -6.39 39.31 -5.89
CA VAL A 331 -6.84 38.36 -4.87
C VAL A 331 -5.79 38.18 -3.76
N GLN A 332 -6.21 38.45 -2.53
CA GLN A 332 -5.37 38.74 -1.34
C GLN A 332 -4.29 37.72 -0.92
N ASN A 333 -3.29 38.21 -0.14
CA ASN A 333 -2.31 37.44 0.69
C ASN A 333 -0.95 38.15 0.91
N ASP A 334 -0.55 38.27 2.16
CA ASP A 334 -1.41 37.92 3.31
C ASP A 334 -2.07 39.16 3.98
N PHE A 335 -1.60 40.35 3.59
CA PHE A 335 -2.35 41.60 3.77
C PHE A 335 -1.95 42.66 2.71
N GLN A 336 -1.70 42.18 1.50
CA GLN A 336 -1.56 42.99 0.28
C GLN A 336 -2.91 42.80 -0.41
N THR A 337 -2.95 42.93 -1.74
CA THR A 337 -4.08 42.50 -2.57
C THR A 337 -3.83 43.03 -3.95
N GLU A 338 -3.69 42.13 -4.91
CA GLU A 338 -3.57 42.49 -6.32
C GLU A 338 -4.67 43.51 -6.67
N VAL A 339 -4.40 44.39 -7.63
CA VAL A 339 -5.36 45.42 -8.03
C VAL A 339 -5.57 45.46 -9.55
N LYS A 340 -6.75 45.06 -10.01
CA LYS A 340 -7.04 44.96 -11.46
C LYS A 340 -7.91 46.12 -12.00
N SER A 341 -7.25 47.20 -12.39
CA SER A 341 -7.89 48.48 -12.74
C SER A 341 -8.70 49.02 -11.56
N GLY A 342 -8.15 50.01 -10.86
CA GLY A 342 -6.89 50.62 -11.22
C GLY A 342 -7.09 52.12 -11.30
N LEU A 343 -6.18 52.97 -10.80
CA LEU A 343 -4.97 52.66 -10.01
C LEU A 343 -3.72 52.17 -10.77
N THR A 344 -2.81 53.09 -11.07
CA THR A 344 -1.47 52.75 -11.59
C THR A 344 -0.41 52.84 -10.50
N GLU A 345 0.80 53.24 -10.91
CA GLU A 345 1.95 53.35 -10.02
C GLU A 345 2.01 54.70 -9.29
N GLY A 346 2.98 54.84 -8.38
CA GLY A 346 3.26 56.10 -7.71
C GLY A 346 2.14 56.82 -7.01
N GLU A 347 0.91 56.30 -7.14
CA GLU A 347 -0.28 56.99 -6.70
C GLU A 347 -0.42 57.15 -5.18
N LYS A 348 -1.66 57.45 -4.74
CA LYS A 348 -1.95 57.82 -3.36
C LYS A 348 -3.00 56.87 -2.70
N VAL A 349 -2.81 56.53 -1.42
CA VAL A 349 -3.62 55.52 -0.72
C VAL A 349 -4.16 55.99 0.65
N VAL A 350 -4.68 55.05 1.45
CA VAL A 350 -5.24 55.34 2.77
C VAL A 350 -5.34 54.08 3.68
N ILE A 351 -4.28 53.28 3.70
CA ILE A 351 -4.09 52.19 4.67
C ILE A 351 -3.55 52.77 5.98
N SER A 352 -4.31 52.93 7.09
CA SER A 352 -5.75 52.72 7.31
C SER A 352 -5.99 53.10 8.79
N GLN A 353 -6.62 54.24 9.12
CA GLN A 353 -7.44 55.16 8.30
C GLN A 353 -7.30 55.22 6.76
#